data_3PFX
#
_entry.id   3PFX
#
_cell.length_a   74.706
_cell.length_b   74.706
_cell.length_c   169.209
_cell.angle_alpha   90.00
_cell.angle_beta   90.00
_cell.angle_gamma   90.00
#
_symmetry.space_group_name_H-M   'P 41 21 2'
#
loop_
_entity.id
_entity.type
_entity.pdbx_description
1 polymer 'Cellobiohydrolase 1 catalytic domain'
2 branched alpha-D-mannopyranose-(1-3)-beta-D-mannopyranose-(1-4)-2-acetamido-2-deoxy-beta-D-glucopyranose-(1-4)-2-acetamido-2-deoxy-beta-D-glucopyranose
3 branched 2-acetamido-2-deoxy-beta-D-glucopyranose-(1-4)-2-acetamido-2-deoxy-beta-D-glucopyranose
4 branched beta-D-glucopyranose-(1-4)-beta-D-glucopyranose
5 non-polymer 'SULFATE ION'
6 water water
#
_entity_poly.entity_id   1
_entity_poly.type   'polypeptide(L)'
_entity_poly.pdbx_seq_one_letter_code
;(PCA)QAGTATAENHPPLTWQECTAPGSCTTQNGAVVLDANWRWVHDVNGYTNCYTGNTWDPTYCPDDETCAQNCALDGA
DYEGTYGVTSSGSSLKLNFVTGSNVGSRLYLLQDDSTYQIFKLLNREFSFDVDVSNLPCGLNGALYFVAMDADGGVSKYP
NNKAGAKYGTGYCDSQCPRDLKFIDGEANVEGWQPSSNNANTGIGDHGSCCAEMDVWEANSISNAVTPHPCDTPGQTMCS
GDDCGGTYSNDRYAGTCDPDGCDFNPYRMGNTSFYGPGKIIDTTKPFTVVTQFLTDDGTDTGTLSEIKRFYIQNSNVIPQ
PNSDISGVTGNSITTEFCTAQKQAFGDTDDFSQHGGLAKMGAAMQQGMVLVMSLWDDYAAQMLWLDSDYPTDADPTTPGI
ARGTCPTDSGVPSDVESQSPNSYVTYSNIKFGPINSTFTAS
;
_entity_poly.pdbx_strand_id   A
#
# COMPACT_ATOMS: atom_id res chain seq x y z
N GLN A 2 21.01 9.91 7.75
CA GLN A 2 21.46 11.09 7.06
C GLN A 2 20.97 11.09 5.61
N ALA A 3 21.05 12.27 4.98
CA ALA A 3 20.72 12.45 3.57
C ALA A 3 21.93 12.07 2.71
N GLY A 4 21.77 11.07 1.86
CA GLY A 4 22.90 10.56 1.11
C GLY A 4 23.38 11.49 0.03
N THR A 5 24.61 11.25 -0.38
CA THR A 5 25.32 12.11 -1.34
C THR A 5 26.03 11.35 -2.46
N ALA A 6 26.05 10.03 -2.45
CA ALA A 6 26.73 9.31 -3.52
C ALA A 6 26.02 9.45 -4.86
N THR A 7 24.70 9.30 -4.84
CA THR A 7 23.82 9.41 -5.98
C THR A 7 22.91 10.58 -5.73
N ALA A 8 22.75 11.44 -6.72
CA ALA A 8 21.87 12.59 -6.58
C ALA A 8 20.41 12.15 -6.49
N GLU A 9 19.62 12.91 -5.75
CA GLU A 9 18.19 12.70 -5.62
C GLU A 9 17.41 13.79 -6.37
N ASN A 10 16.54 13.38 -7.28
CA ASN A 10 15.60 14.26 -7.96
C ASN A 10 14.28 13.49 -8.04
N HIS A 11 13.20 14.13 -7.62
CA HIS A 11 11.90 13.45 -7.55
C HIS A 11 11.21 13.51 -8.90
N PRO A 12 10.87 12.38 -9.50
CA PRO A 12 10.14 12.45 -10.78
C PRO A 12 8.85 13.24 -10.66
N PRO A 13 8.58 14.13 -11.64
CA PRO A 13 7.33 14.89 -11.57
C PRO A 13 6.12 14.06 -11.93
N LEU A 14 4.98 14.44 -11.41
CA LEU A 14 3.72 13.75 -11.69
C LEU A 14 2.58 14.73 -11.50
N THR A 15 1.81 14.98 -12.54
CA THR A 15 0.64 15.85 -12.37
C THR A 15 -0.55 15.03 -11.86
N TRP A 16 -1.45 15.70 -11.20
CA TRP A 16 -2.72 15.15 -10.78
C TRP A 16 -3.72 16.29 -10.73
N GLN A 17 -5.00 15.98 -10.56
CA GLN A 17 -6.03 17.01 -10.61
C GLN A 17 -6.87 17.07 -9.35
N GLU A 18 -7.23 18.29 -8.99
CA GLU A 18 -8.26 18.58 -8.01
C GLU A 18 -9.51 18.98 -8.76
N CYS A 19 -10.65 18.39 -8.45
CA CYS A 19 -11.90 18.70 -9.12
C CYS A 19 -12.85 19.36 -8.15
N THR A 20 -13.57 20.37 -8.62
CA THR A 20 -14.56 21.06 -7.80
C THR A 20 -15.98 20.61 -8.14
N ALA A 21 -16.19 20.07 -9.33
CA ALA A 21 -17.49 19.61 -9.80
C ALA A 21 -17.21 18.79 -11.03
N PRO A 22 -18.18 18.00 -11.49
CA PRO A 22 -17.91 17.17 -12.67
C PRO A 22 -17.43 17.98 -13.88
N GLY A 23 -16.32 17.58 -14.48
CA GLY A 23 -15.82 18.23 -15.67
C GLY A 23 -15.06 19.51 -15.36
N SER A 24 -14.88 19.80 -14.08
CA SER A 24 -14.24 21.03 -13.65
C SER A 24 -13.09 20.72 -12.70
N CYS A 25 -11.90 20.57 -13.30
CA CYS A 25 -10.72 20.17 -12.57
C CYS A 25 -9.55 21.05 -12.97
N THR A 26 -8.59 21.18 -12.06
CA THR A 26 -7.37 21.92 -12.34
C THR A 26 -6.16 21.09 -11.93
N THR A 27 -5.02 21.42 -12.49
CA THR A 27 -3.85 20.59 -12.41
C THR A 27 -2.89 21.00 -11.30
N GLN A 28 -2.46 20.02 -10.52
CA GLN A 28 -1.41 20.14 -9.52
C GLN A 28 -0.13 19.55 -10.06
N ASN A 29 0.97 20.24 -9.83
CA ASN A 29 2.29 19.79 -10.28
C ASN A 29 2.98 19.05 -9.14
N GLY A 30 2.65 17.77 -9.03
CA GLY A 30 3.18 16.92 -8.00
C GLY A 30 4.52 16.32 -8.39
N ALA A 31 4.99 15.43 -7.52
CA ALA A 31 6.21 14.67 -7.76
C ALA A 31 6.12 13.45 -6.86
N VAL A 32 6.95 12.46 -7.12
CA VAL A 32 6.97 11.26 -6.30
C VAL A 32 8.37 11.01 -5.77
N VAL A 33 8.45 10.28 -4.66
CA VAL A 33 9.70 9.92 -4.03
C VAL A 33 9.72 8.46 -3.64
N LEU A 34 10.85 7.81 -3.86
CA LEU A 34 11.05 6.41 -3.52
C LEU A 34 11.20 6.23 -2.01
N ASP A 35 10.51 5.21 -1.50
CA ASP A 35 10.65 4.82 -0.11
C ASP A 35 12.09 4.54 0.30
N ALA A 36 12.42 4.99 1.51
CA ALA A 36 13.75 4.88 2.09
C ALA A 36 14.31 3.47 2.03
N ASN A 37 13.47 2.46 2.22
CA ASN A 37 13.95 1.10 2.34
C ASN A 37 14.54 0.52 1.07
N TRP A 38 14.29 1.13 -0.09
CA TRP A 38 14.86 0.67 -1.37
C TRP A 38 16.23 1.23 -1.62
N ARG A 39 16.68 2.22 -0.83
CA ARG A 39 17.90 2.97 -1.11
C ARG A 39 19.15 2.29 -0.57
N TRP A 40 20.27 2.53 -1.22
CA TRP A 40 21.55 2.14 -0.70
C TRP A 40 21.81 2.89 0.60
N VAL A 41 22.33 2.20 1.61
CA VAL A 41 22.67 2.84 2.88
C VAL A 41 24.18 2.91 2.95
N HIS A 42 24.74 4.12 2.83
CA HIS A 42 26.19 4.32 2.75
C HIS A 42 26.70 5.03 3.98
N ASP A 43 27.93 4.72 4.40
CA ASP A 43 28.50 5.41 5.53
C ASP A 43 28.81 6.83 5.05
N VAL A 44 28.59 7.81 5.91
CA VAL A 44 28.68 9.22 5.50
C VAL A 44 30.10 9.63 5.06
N ASN A 45 31.12 9.00 5.60
CA ASN A 45 32.51 9.40 5.31
C ASN A 45 33.13 8.70 4.09
N GLY A 46 33.04 7.38 4.06
CA GLY A 46 33.73 6.58 3.06
C GLY A 46 32.91 6.12 1.87
N TYR A 47 31.59 6.34 1.90
CA TYR A 47 30.73 5.82 0.83
C TYR A 47 30.84 4.31 0.67
N THR A 48 30.87 3.63 1.79
CA THR A 48 30.88 2.17 1.78
C THR A 48 29.58 1.66 2.41
N ASN A 49 29.33 0.37 2.34
CA ASN A 49 28.06 -0.17 2.80
C ASN A 49 27.89 -0.08 4.31
N CYS A 50 26.78 0.49 4.77
CA CYS A 50 26.29 0.25 6.14
C CYS A 50 25.47 -1.03 6.23
N TYR A 51 24.88 -1.42 5.09
CA TYR A 51 23.97 -2.55 5.01
C TYR A 51 24.30 -3.23 3.69
N THR A 52 24.55 -4.53 3.74
CA THR A 52 24.99 -5.31 2.58
C THR A 52 24.16 -6.57 2.53
N GLY A 53 23.40 -6.72 1.45
CA GLY A 53 22.49 -7.84 1.30
C GLY A 53 21.39 -7.73 2.34
N ASN A 54 21.55 -8.44 3.46
CA ASN A 54 20.60 -8.27 4.55
C ASN A 54 21.26 -8.20 5.92
N THR A 55 22.53 -7.81 5.97
CA THR A 55 23.17 -7.59 7.27
C THR A 55 23.85 -6.23 7.35
N TRP A 56 24.04 -5.77 8.58
CA TRP A 56 24.55 -4.45 8.87
C TRP A 56 26.04 -4.47 9.22
N ASP A 57 26.76 -3.40 8.91
CA ASP A 57 28.17 -3.27 9.29
C ASP A 57 28.26 -2.95 10.79
N PRO A 58 29.07 -3.68 11.55
CA PRO A 58 29.08 -3.50 13.00
C PRO A 58 29.89 -2.29 13.48
N THR A 59 30.75 -1.74 12.65
CA THR A 59 31.46 -0.53 13.01
C THR A 59 30.57 0.70 12.82
N TYR A 60 29.91 0.79 11.68
CA TYR A 60 29.02 1.94 11.47
C TYR A 60 27.75 1.84 12.27
N CYS A 61 27.30 0.61 12.50
CA CYS A 61 26.00 0.35 13.11
C CYS A 61 26.08 -0.59 14.33
N PRO A 62 26.81 -0.19 15.38
CA PRO A 62 26.89 -1.02 16.58
C PRO A 62 25.57 -1.01 17.37
N ASP A 63 24.75 0.01 17.14
CA ASP A 63 23.43 0.13 17.76
C ASP A 63 22.59 1.03 16.89
N ASP A 64 21.32 1.15 17.23
CA ASP A 64 20.36 1.82 16.38
C ASP A 64 20.65 3.31 16.20
N GLU A 65 21.02 3.98 17.28
CA GLU A 65 21.26 5.41 17.24
C GLU A 65 22.54 5.75 16.48
N THR A 66 23.61 5.02 16.80
CA THR A 66 24.90 5.28 16.18
C THR A 66 24.80 5.06 14.67
N CYS A 67 24.09 4.00 14.29
CA CYS A 67 23.88 3.70 12.88
C CYS A 67 23.22 4.87 12.14
N ALA A 68 22.17 5.44 12.75
CA ALA A 68 21.48 6.57 12.14
C ALA A 68 22.37 7.79 12.00
N GLN A 69 23.32 7.96 12.91
CA GLN A 69 24.26 9.06 12.82
C GLN A 69 25.32 8.83 11.74
N ASN A 70 25.73 7.58 11.55
CA ASN A 70 26.86 7.25 10.68
C ASN A 70 26.49 6.95 9.24
N CYS A 71 25.20 6.71 9.02
CA CYS A 71 24.74 6.15 7.75
C CYS A 71 23.71 7.03 7.08
N ALA A 72 23.76 7.04 5.75
CA ALA A 72 22.92 7.88 4.93
C ALA A 72 22.11 7.05 3.95
N LEU A 73 20.90 7.52 3.63
CA LEU A 73 20.09 6.98 2.56
C LEU A 73 20.47 7.64 1.24
N ASP A 74 20.93 6.86 0.29
CA ASP A 74 21.42 7.42 -0.95
C ASP A 74 20.29 7.92 -1.83
N GLY A 75 20.61 8.83 -2.76
CA GLY A 75 19.70 9.16 -3.83
C GLY A 75 19.44 7.98 -4.71
N ALA A 76 18.47 8.12 -5.59
CA ALA A 76 18.01 7.03 -6.44
C ALA A 76 18.05 7.38 -7.91
N ASP A 77 18.56 6.46 -8.72
CA ASP A 77 18.42 6.54 -10.17
C ASP A 77 17.09 5.86 -10.48
N TYR A 78 16.04 6.65 -10.56
CA TYR A 78 14.69 6.09 -10.61
C TYR A 78 14.50 5.13 -11.76
N GLU A 79 14.83 5.54 -12.98
CA GLU A 79 14.64 4.66 -14.13
C GLU A 79 15.67 3.55 -14.16
N GLY A 80 16.94 3.91 -14.07
CA GLY A 80 18.01 2.97 -14.30
C GLY A 80 18.14 1.89 -13.24
N THR A 81 17.90 2.24 -11.99
CA THR A 81 18.02 1.27 -10.92
C THR A 81 16.67 0.66 -10.52
N TYR A 82 15.62 1.46 -10.51
CA TYR A 82 14.34 1.03 -9.92
C TYR A 82 13.24 0.82 -10.92
N GLY A 83 13.47 1.13 -12.20
CA GLY A 83 12.45 0.92 -13.22
C GLY A 83 11.23 1.80 -13.06
N VAL A 84 11.41 2.99 -12.49
CA VAL A 84 10.33 3.94 -12.27
C VAL A 84 10.45 5.08 -13.25
N THR A 85 9.41 5.36 -14.02
CA THR A 85 9.38 6.50 -14.92
C THR A 85 8.07 7.23 -14.75
N SER A 86 8.04 8.49 -15.13
CA SER A 86 6.80 9.24 -15.17
C SER A 86 6.74 10.11 -16.41
N SER A 87 5.54 10.46 -16.80
CA SER A 87 5.32 11.32 -17.94
C SER A 87 3.91 11.90 -17.81
N GLY A 88 3.79 13.21 -17.73
CA GLY A 88 2.49 13.81 -17.54
C GLY A 88 1.87 13.35 -16.24
N SER A 89 0.67 12.80 -16.31
CA SER A 89 -0.06 12.30 -15.16
C SER A 89 0.19 10.81 -14.93
N SER A 90 1.13 10.21 -15.65
CA SER A 90 1.34 8.77 -15.61
CA SER A 90 1.36 8.76 -15.61
C SER A 90 2.63 8.38 -14.87
N LEU A 91 2.53 7.35 -14.05
CA LEU A 91 3.64 6.78 -13.29
C LEU A 91 3.71 5.30 -13.62
N LYS A 92 4.83 4.85 -14.18
CA LYS A 92 5.02 3.45 -14.53
C LYS A 92 6.07 2.83 -13.63
N LEU A 93 5.70 1.71 -13.00
CA LEU A 93 6.56 0.97 -12.12
C LEU A 93 6.84 -0.40 -12.73
N ASN A 94 8.10 -0.64 -13.08
CA ASN A 94 8.50 -1.95 -13.57
C ASN A 94 8.82 -2.90 -12.45
N PHE A 95 8.71 -4.20 -12.73
CA PHE A 95 8.88 -5.21 -11.69
C PHE A 95 10.36 -5.46 -11.40
N VAL A 96 11.08 -6.16 -12.27
CA VAL A 96 12.49 -6.47 -12.02
C VAL A 96 13.39 -5.56 -12.85
N THR A 97 14.32 -4.90 -12.17
CA THR A 97 15.34 -4.09 -12.85
C THR A 97 16.65 -4.46 -12.21
N GLY A 98 17.49 -5.18 -12.94
CA GLY A 98 18.70 -5.73 -12.31
C GLY A 98 18.36 -6.55 -11.08
N SER A 99 18.98 -6.24 -9.93
CA SER A 99 18.73 -6.96 -8.70
C SER A 99 17.57 -6.36 -7.89
N ASN A 100 16.96 -5.31 -8.42
CA ASN A 100 15.87 -4.63 -7.73
C ASN A 100 14.52 -5.25 -8.09
N VAL A 101 13.66 -5.36 -7.08
CA VAL A 101 12.29 -5.85 -7.26
C VAL A 101 11.29 -4.79 -6.80
N GLY A 102 10.51 -4.30 -7.74
CA GLY A 102 9.42 -3.38 -7.44
C GLY A 102 9.88 -2.05 -6.85
N SER A 103 8.93 -1.38 -6.21
CA SER A 103 9.14 -0.04 -5.67
C SER A 103 7.94 0.35 -4.86
N ARG A 104 8.12 1.36 -4.03
CA ARG A 104 7.04 1.99 -3.27
C ARG A 104 7.34 3.47 -3.29
N LEU A 105 6.38 4.28 -3.70
CA LEU A 105 6.55 5.72 -3.91
C LEU A 105 5.44 6.50 -3.23
N TYR A 106 5.75 7.73 -2.82
CA TYR A 106 4.79 8.63 -2.19
C TYR A 106 4.62 9.88 -3.01
N LEU A 107 3.40 10.40 -3.06
CA LEU A 107 3.14 11.68 -3.73
C LEU A 107 3.53 12.84 -2.81
N LEU A 108 4.29 13.78 -3.36
CA LEU A 108 4.80 14.96 -2.66
C LEU A 108 4.02 16.21 -3.00
N GLN A 109 3.74 17.00 -1.95
CA GLN A 109 3.34 18.39 -2.07
C GLN A 109 4.52 19.28 -2.44
N ASP A 110 5.65 19.08 -1.79
CA ASP A 110 6.88 19.77 -2.13
C ASP A 110 8.06 18.85 -1.80
N ASP A 111 9.27 19.31 -2.06
CA ASP A 111 10.43 18.43 -2.00
C ASP A 111 10.74 17.87 -0.63
N SER A 112 10.05 18.36 0.40
CA SER A 112 10.27 17.92 1.78
C SER A 112 8.97 17.53 2.48
N THR A 113 7.87 17.40 1.73
CA THR A 113 6.56 17.26 2.37
C THR A 113 5.64 16.41 1.52
N TYR A 114 5.16 15.31 2.09
CA TYR A 114 4.18 14.48 1.41
C TYR A 114 2.87 15.25 1.24
N GLN A 115 2.17 15.00 0.16
CA GLN A 115 0.84 15.53 -0.04
C GLN A 115 -0.14 14.87 0.91
N ILE A 116 -0.85 15.62 1.70
CA ILE A 116 -1.84 15.08 2.63
C ILE A 116 -3.21 15.18 2.00
N PHE A 117 -3.92 14.07 1.97
CA PHE A 117 -5.32 14.02 1.52
C PHE A 117 -6.21 13.84 2.74
N LYS A 118 -7.31 14.59 2.75
CA LYS A 118 -8.37 14.47 3.74
C LYS A 118 -9.54 13.79 3.04
N LEU A 119 -9.65 12.48 3.20
CA LEU A 119 -10.57 11.67 2.42
C LEU A 119 -12.03 11.72 2.83
N LEU A 120 -12.33 12.20 4.03
CA LEU A 120 -13.73 12.14 4.48
C LEU A 120 -14.64 12.96 3.58
N ASN A 121 -15.73 12.35 3.14
CA ASN A 121 -16.68 13.04 2.27
C ASN A 121 -16.04 13.49 0.98
N ARG A 122 -15.10 12.69 0.47
CA ARG A 122 -14.41 12.94 -0.80
C ARG A 122 -14.35 11.68 -1.65
N GLU A 123 -13.90 11.90 -2.87
CA GLU A 123 -13.80 10.88 -3.89
C GLU A 123 -12.43 10.96 -4.52
N PHE A 124 -11.84 9.79 -4.77
CA PHE A 124 -10.53 9.67 -5.40
C PHE A 124 -10.66 8.76 -6.60
N SER A 125 -10.15 9.20 -7.75
CA SER A 125 -10.19 8.45 -8.99
C SER A 125 -8.79 8.33 -9.57
N PHE A 126 -8.52 7.21 -10.22
CA PHE A 126 -7.29 7.05 -10.98
C PHE A 126 -7.54 6.07 -12.09
N ASP A 127 -6.70 6.13 -13.11
CA ASP A 127 -6.67 5.14 -14.17
C ASP A 127 -5.52 4.18 -13.90
N VAL A 128 -5.71 2.93 -14.30
CA VAL A 128 -4.67 1.92 -14.11
C VAL A 128 -4.63 0.95 -15.27
N ASP A 129 -3.41 0.51 -15.57
CA ASP A 129 -3.16 -0.57 -16.49
C ASP A 129 -2.56 -1.72 -15.69
N VAL A 130 -3.36 -2.77 -15.47
CA VAL A 130 -2.92 -3.99 -14.78
C VAL A 130 -2.73 -5.15 -15.75
N SER A 131 -2.77 -4.88 -17.04
CA SER A 131 -2.74 -5.93 -18.06
C SER A 131 -1.49 -6.78 -18.01
N ASN A 132 -0.40 -6.26 -17.49
CA ASN A 132 0.86 -6.98 -17.37
C ASN A 132 1.20 -7.33 -15.94
N LEU A 133 0.17 -7.58 -15.13
CA LEU A 133 0.34 -8.05 -13.75
C LEU A 133 -0.27 -9.46 -13.63
N PRO A 134 0.58 -10.49 -13.61
CA PRO A 134 0.10 -11.87 -13.50
C PRO A 134 -0.04 -12.30 -12.05
N CYS A 135 -0.40 -13.57 -11.85
CA CYS A 135 -0.49 -14.13 -10.50
C CYS A 135 0.72 -13.77 -9.69
N GLY A 136 0.49 -13.41 -8.43
CA GLY A 136 1.59 -13.19 -7.51
C GLY A 136 2.08 -11.75 -7.41
N LEU A 137 1.65 -10.88 -8.32
CA LEU A 137 2.06 -9.48 -8.26
C LEU A 137 0.92 -8.63 -7.74
N ASN A 138 1.26 -7.51 -7.11
CA ASN A 138 0.27 -6.58 -6.56
C ASN A 138 0.74 -5.18 -6.89
N GLY A 139 0.00 -4.54 -7.79
CA GLY A 139 0.14 -3.10 -7.96
C GLY A 139 -0.80 -2.45 -6.98
N ALA A 140 -0.27 -1.87 -5.93
CA ALA A 140 -1.10 -1.29 -4.87
C ALA A 140 -1.07 0.24 -4.90
N LEU A 141 -2.23 0.86 -4.83
CA LEU A 141 -2.38 2.30 -4.66
C LEU A 141 -3.23 2.45 -3.40
N TYR A 142 -2.74 3.20 -2.42
CA TYR A 142 -3.38 3.19 -1.13
C TYR A 142 -2.97 4.40 -0.32
N PHE A 143 -3.58 4.58 0.84
CA PHE A 143 -3.28 5.69 1.72
C PHE A 143 -2.86 5.16 3.06
N VAL A 144 -1.90 5.83 3.69
CA VAL A 144 -1.46 5.52 5.05
C VAL A 144 -1.32 6.82 5.83
N ALA A 145 -1.54 6.75 7.13
CA ALA A 145 -1.45 7.93 8.00
C ALA A 145 0.00 8.20 8.45
N MET A 146 0.85 8.43 7.46
CA MET A 146 2.21 8.94 7.68
C MET A 146 2.21 10.42 8.08
N ASP A 147 3.27 10.83 8.76
CA ASP A 147 3.51 12.25 8.97
C ASP A 147 3.92 12.90 7.65
N ALA A 148 3.40 14.09 7.40
CA ALA A 148 3.69 14.79 6.16
C ALA A 148 5.18 15.06 5.98
N ASP A 149 5.90 15.29 7.08
CA ASP A 149 7.30 15.63 6.97
C ASP A 149 8.22 14.40 7.05
N GLY A 150 7.66 13.21 7.03
CA GLY A 150 8.47 12.00 7.08
C GLY A 150 9.13 11.70 8.40
N GLY A 151 8.77 12.46 9.44
CA GLY A 151 9.30 12.26 10.78
C GLY A 151 10.32 13.29 11.24
N VAL A 152 10.76 14.19 10.39
CA VAL A 152 11.92 15.01 10.73
C VAL A 152 11.73 15.90 11.95
N SER A 153 10.53 16.45 12.16
CA SER A 153 10.34 17.38 13.27
C SER A 153 10.29 16.67 14.61
N LYS A 154 10.03 15.37 14.62
CA LYS A 154 10.02 14.60 15.87
C LYS A 154 11.32 13.91 16.19
N TYR A 155 12.09 13.57 15.13
CA TYR A 155 13.22 12.68 15.24
C TYR A 155 14.46 13.33 14.64
N PRO A 156 15.24 14.04 15.47
CA PRO A 156 16.35 14.82 14.93
C PRO A 156 17.40 14.02 14.17
N ASN A 157 17.57 12.75 14.46
CA ASN A 157 18.55 11.98 13.73
C ASN A 157 18.04 11.47 12.40
N ASN A 158 16.79 11.76 12.08
CA ASN A 158 16.31 11.62 10.70
C ASN A 158 16.54 12.94 9.99
N LYS A 159 17.66 13.04 9.29
CA LYS A 159 17.98 14.21 8.49
C LYS A 159 17.55 14.04 7.04
N ALA A 160 17.20 12.83 6.66
CA ALA A 160 16.84 12.53 5.28
C ALA A 160 15.42 12.99 4.94
N GLY A 161 14.45 12.60 5.76
CA GLY A 161 13.11 13.11 5.65
C GLY A 161 12.32 12.61 4.45
N ALA A 162 11.19 13.27 4.21
CA ALA A 162 10.34 12.96 3.07
C ALA A 162 11.11 13.06 1.75
N LYS A 163 12.10 13.93 1.69
CA LYS A 163 12.93 14.06 0.49
C LYS A 163 13.57 12.72 0.07
N TYR A 164 13.77 11.84 1.03
CA TYR A 164 14.30 10.50 0.80
C TYR A 164 13.32 9.40 1.18
N GLY A 165 12.04 9.74 1.27
CA GLY A 165 11.03 8.71 1.47
C GLY A 165 11.02 8.07 2.84
N THR A 166 11.38 8.81 3.89
CA THR A 166 11.29 8.25 5.24
C THR A 166 9.88 8.26 5.81
N GLY A 167 9.71 7.53 6.90
CA GLY A 167 8.50 7.64 7.69
C GLY A 167 7.37 6.68 7.38
N TYR A 168 7.58 5.68 6.52
CA TYR A 168 6.51 4.77 6.20
C TYR A 168 5.95 4.08 7.43
N CYS A 169 4.66 3.80 7.36
CA CYS A 169 3.95 2.96 8.32
C CYS A 169 2.78 2.35 7.58
N ASP A 170 2.27 1.23 8.07
CA ASP A 170 1.01 0.70 7.59
C ASP A 170 0.44 -0.24 8.62
N SER A 171 -0.67 -0.89 8.29
CA SER A 171 -1.42 -1.64 9.29
C SER A 171 -0.80 -2.99 9.59
N GLN A 172 0.28 -3.35 8.90
CA GLN A 172 1.09 -4.51 9.25
C GLN A 172 2.14 -4.20 10.30
N CYS A 173 2.25 -2.94 10.73
CA CYS A 173 3.31 -2.54 11.67
C CYS A 173 4.68 -3.04 11.18
N PRO A 174 5.04 -2.71 9.94
CA PRO A 174 6.22 -3.31 9.30
C PRO A 174 7.49 -3.16 10.12
N ARG A 175 8.16 -4.30 10.30
CA ARG A 175 9.42 -4.41 11.03
C ARG A 175 10.59 -4.61 10.07
N ASP A 176 10.30 -4.62 8.77
CA ASP A 176 11.35 -4.76 7.75
C ASP A 176 12.05 -3.45 7.43
N LEU A 177 11.56 -2.35 7.98
CA LEU A 177 12.11 -1.03 7.73
C LEU A 177 13.44 -0.87 8.41
N LYS A 178 14.44 -0.42 7.68
CA LYS A 178 15.79 -0.25 8.20
C LYS A 178 15.93 0.94 9.12
N PHE A 179 15.11 1.97 8.90
CA PHE A 179 15.07 3.14 9.78
C PHE A 179 13.64 3.46 10.17
N ILE A 180 13.41 3.56 11.47
CA ILE A 180 12.11 3.97 12.02
C ILE A 180 12.42 5.00 13.13
N ASP A 181 11.76 6.14 13.04
CA ASP A 181 11.79 7.16 14.10
C ASP A 181 13.22 7.59 14.42
N GLY A 182 14.00 7.81 13.38
CA GLY A 182 15.32 8.39 13.53
C GLY A 182 16.37 7.45 14.04
N GLU A 183 16.05 6.17 14.12
CA GLU A 183 16.98 5.12 14.53
C GLU A 183 17.00 4.01 13.51
N ALA A 184 18.15 3.36 13.35
CA ALA A 184 18.21 2.16 12.55
C ALA A 184 17.46 1.03 13.27
N ASN A 185 17.38 -0.11 12.61
CA ASN A 185 16.71 -1.30 13.12
C ASN A 185 17.68 -2.46 13.25
N VAL A 186 18.95 -2.16 13.51
CA VAL A 186 20.01 -3.16 13.59
C VAL A 186 19.92 -3.99 14.88
N GLU A 187 19.45 -3.39 15.97
CA GLU A 187 19.26 -4.14 17.18
C GLU A 187 18.06 -5.10 16.97
N GLY A 188 18.36 -6.36 17.07
CA GLY A 188 17.37 -7.38 16.93
C GLY A 188 17.19 -7.80 15.49
N TRP A 189 18.00 -7.28 14.57
CA TRP A 189 17.80 -7.57 13.16
C TRP A 189 18.01 -9.05 12.87
N GLN A 190 17.05 -9.62 12.15
CA GLN A 190 17.06 -11.02 11.74
C GLN A 190 16.89 -11.07 10.22
N PRO A 191 17.94 -11.42 9.49
CA PRO A 191 17.86 -11.54 8.04
C PRO A 191 16.77 -12.53 7.61
N SER A 192 16.05 -12.19 6.55
CA SER A 192 15.06 -13.07 5.97
C SER A 192 15.70 -14.33 5.38
N SER A 193 15.10 -15.47 5.67
CA SER A 193 15.63 -16.73 5.14
C SER A 193 15.35 -16.87 3.66
N ASN A 194 14.32 -16.18 3.17
CA ASN A 194 13.94 -16.34 1.77
C ASN A 194 14.08 -15.10 0.91
N ASN A 195 14.67 -14.02 1.44
CA ASN A 195 14.87 -12.82 0.65
C ASN A 195 16.24 -12.24 0.97
N ALA A 196 17.15 -12.29 0.00
CA ALA A 196 18.53 -11.88 0.20
C ALA A 196 18.70 -10.41 0.56
N ASN A 197 17.66 -9.62 0.34
CA ASN A 197 17.76 -8.19 0.53
C ASN A 197 17.06 -7.67 1.79
N THR A 198 16.40 -8.52 2.55
CA THR A 198 15.52 -8.01 3.61
C THR A 198 15.73 -8.71 4.93
N GLY A 199 15.15 -8.14 5.98
CA GLY A 199 15.15 -8.73 7.29
C GLY A 199 14.01 -8.17 8.12
N ILE A 200 14.04 -8.49 9.39
CA ILE A 200 13.03 -8.04 10.35
C ILE A 200 13.76 -7.58 11.61
N GLY A 201 13.52 -6.36 12.08
CA GLY A 201 14.11 -5.88 13.31
C GLY A 201 13.10 -5.82 14.44
N ASP A 202 13.57 -5.36 15.58
CA ASP A 202 12.72 -5.28 16.74
CA ASP A 202 12.76 -5.23 16.79
C ASP A 202 11.67 -4.19 16.61
N HIS A 203 11.95 -3.13 15.87
CA HIS A 203 11.00 -2.03 15.75
C HIS A 203 10.11 -2.20 14.53
N GLY A 204 8.85 -1.83 14.69
CA GLY A 204 7.90 -1.70 13.59
C GLY A 204 7.22 -0.37 13.58
N SER A 205 6.58 -0.05 12.46
CA SER A 205 5.99 1.27 12.25
C SER A 205 4.54 1.14 11.87
N CYS A 206 3.65 1.41 12.82
CA CYS A 206 2.21 1.19 12.70
C CYS A 206 1.44 2.45 12.33
N CYS A 207 0.45 2.33 11.45
CA CYS A 207 -0.57 3.36 11.28
C CYS A 207 -1.70 2.80 10.46
N ALA A 208 -2.85 3.45 10.52
CA ALA A 208 -4.00 3.02 9.74
C ALA A 208 -3.71 3.12 8.25
N GLU A 209 -4.42 2.28 7.51
CA GLU A 209 -4.16 2.06 6.10
C GLU A 209 -5.47 1.89 5.36
N MET A 210 -5.71 2.72 4.35
CA MET A 210 -6.88 2.58 3.49
C MET A 210 -6.38 2.01 2.17
N ASP A 211 -6.54 0.70 1.98
CA ASP A 211 -6.09 0.04 0.75
C ASP A 211 -7.13 0.23 -0.34
N VAL A 212 -7.04 1.35 -1.03
CA VAL A 212 -7.95 1.63 -2.09
C VAL A 212 -7.88 0.56 -3.16
N TRP A 213 -6.67 0.16 -3.50
CA TRP A 213 -6.45 -0.69 -4.67
C TRP A 213 -5.28 -1.63 -4.42
N GLU A 214 -5.57 -2.91 -4.31
CA GLU A 214 -4.56 -3.97 -4.34
C GLU A 214 -5.02 -4.91 -5.43
N ALA A 215 -4.21 -5.10 -6.46
CA ALA A 215 -4.73 -5.75 -7.66
C ALA A 215 -3.69 -6.25 -8.60
N ASN A 216 -4.10 -7.23 -9.41
CA ASN A 216 -3.38 -7.60 -10.62
C ASN A 216 -4.44 -7.84 -11.69
N SER A 217 -4.08 -8.49 -12.78
CA SER A 217 -5.03 -8.73 -13.87
C SER A 217 -6.06 -9.81 -13.52
N ILE A 218 -5.87 -10.49 -12.40
CA ILE A 218 -6.78 -11.55 -11.97
C ILE A 218 -7.83 -11.05 -11.00
N SER A 219 -7.42 -10.36 -9.93
CA SER A 219 -8.32 -9.95 -8.86
C SER A 219 -7.91 -8.61 -8.30
N ASN A 220 -8.87 -7.96 -7.64
CA ASN A 220 -8.60 -6.73 -6.88
C ASN A 220 -9.35 -6.78 -5.55
N ALA A 221 -8.83 -6.03 -4.57
CA ALA A 221 -9.49 -5.84 -3.28
C ALA A 221 -9.39 -4.40 -2.85
N VAL A 222 -10.44 -3.92 -2.18
CA VAL A 222 -10.46 -2.62 -1.48
C VAL A 222 -10.67 -2.92 -0.02
N THR A 223 -9.82 -2.37 0.85
CA THR A 223 -9.72 -2.83 2.23
C THR A 223 -9.27 -1.72 3.19
N PRO A 224 -10.17 -1.18 4.05
CA PRO A 224 -9.71 -0.38 5.18
C PRO A 224 -9.14 -1.25 6.31
N HIS A 225 -8.09 -0.74 6.95
CA HIS A 225 -7.46 -1.37 8.11
C HIS A 225 -7.28 -0.32 9.22
N PRO A 226 -8.05 -0.40 10.31
CA PRO A 226 -7.86 0.53 11.42
C PRO A 226 -6.76 0.12 12.36
N CYS A 227 -6.20 1.13 13.04
CA CYS A 227 -5.32 0.94 14.17
C CYS A 227 -5.81 1.68 15.41
N ASP A 228 -5.39 1.19 16.57
CA ASP A 228 -5.80 1.82 17.82
C ASP A 228 -5.32 3.27 17.90
N THR A 229 -4.10 3.55 17.48
CA THR A 229 -3.63 4.93 17.26
C THR A 229 -3.71 5.18 15.76
N PRO A 230 -4.41 6.20 15.30
CA PRO A 230 -4.58 6.29 13.85
C PRO A 230 -3.28 6.57 13.09
N GLY A 231 -2.48 7.50 13.61
CA GLY A 231 -1.24 7.92 12.98
C GLY A 231 -0.06 7.07 13.36
N GLN A 232 1.10 7.48 12.84
CA GLN A 232 2.30 6.68 12.92
C GLN A 232 2.79 6.54 14.35
N THR A 233 3.11 5.31 14.73
CA THR A 233 3.63 5.00 16.06
C THR A 233 4.58 3.84 15.95
N MET A 234 5.60 3.79 16.79
CA MET A 234 6.53 2.68 16.77
C MET A 234 6.09 1.59 17.73
N CYS A 235 6.21 0.35 17.31
CA CYS A 235 5.99 -0.79 18.17
C CYS A 235 7.31 -1.55 18.32
N SER A 236 7.37 -2.45 19.30
CA SER A 236 8.56 -3.27 19.45
C SER A 236 8.23 -4.73 19.68
N GLY A 237 8.96 -5.58 19.01
CA GLY A 237 8.90 -7.00 19.27
C GLY A 237 7.62 -7.66 18.76
N ASP A 238 7.35 -8.84 19.31
CA ASP A 238 6.18 -9.65 19.01
C ASP A 238 4.89 -8.87 19.10
N ASP A 239 4.82 -7.94 20.03
CA ASP A 239 3.60 -7.18 20.23
C ASP A 239 3.31 -6.20 19.11
N CYS A 240 4.22 -6.08 18.15
CA CYS A 240 3.88 -5.37 16.93
C CYS A 240 2.71 -6.02 16.20
N GLY A 241 2.56 -7.33 16.30
CA GLY A 241 1.61 -8.03 15.46
C GLY A 241 1.96 -7.81 14.00
N GLY A 242 0.99 -7.94 13.11
CA GLY A 242 1.25 -7.84 11.70
C GLY A 242 1.86 -9.10 11.14
N THR A 243 1.95 -9.13 9.82
CA THR A 243 2.27 -10.35 9.11
CA THR A 243 2.33 -10.30 9.03
C THR A 243 3.58 -11.00 9.56
N TYR A 244 4.60 -10.20 9.86
CA TYR A 244 5.90 -10.80 10.22
C TYR A 244 6.23 -10.92 11.69
N SER A 245 5.28 -10.63 12.56
CA SER A 245 5.43 -11.04 13.95
C SER A 245 4.92 -12.47 14.07
N ASN A 246 5.19 -13.08 15.21
CA ASN A 246 4.78 -14.46 15.48
C ASN A 246 3.28 -14.61 15.38
N ASP A 247 2.55 -13.64 15.91
CA ASP A 247 1.10 -13.64 15.92
C ASP A 247 0.62 -12.34 15.29
N ARG A 248 0.01 -12.42 14.12
CA ARG A 248 -0.39 -11.23 13.39
C ARG A 248 -1.42 -10.41 14.17
N TYR A 249 -2.11 -11.04 15.13
CA TYR A 249 -3.15 -10.38 15.94
C TYR A 249 -2.68 -9.88 17.31
N ALA A 250 -1.37 -9.86 17.56
CA ALA A 250 -0.85 -9.50 18.87
C ALA A 250 -0.73 -8.00 19.14
N GLY A 251 -0.98 -7.18 18.12
CA GLY A 251 -0.66 -5.76 18.19
C GLY A 251 -1.87 -4.84 18.12
N THR A 252 -1.60 -3.61 17.70
CA THR A 252 -2.58 -2.53 17.79
C THR A 252 -3.28 -2.19 16.46
N CYS A 253 -2.93 -2.92 15.39
CA CYS A 253 -3.56 -2.70 14.08
C CYS A 253 -4.21 -3.97 13.56
N ASP A 254 -5.26 -3.79 12.77
CA ASP A 254 -5.95 -4.90 12.10
C ASP A 254 -5.17 -5.31 10.84
N PRO A 255 -4.52 -6.48 10.84
CA PRO A 255 -3.71 -6.86 9.68
C PRO A 255 -4.53 -7.39 8.52
N ASP A 256 -5.79 -7.70 8.77
CA ASP A 256 -6.64 -8.34 7.75
C ASP A 256 -7.53 -7.35 7.03
N GLY A 257 -8.11 -6.41 7.77
CA GLY A 257 -8.99 -5.40 7.22
C GLY A 257 -10.40 -5.87 6.94
N CYS A 258 -11.24 -4.99 6.46
CA CYS A 258 -12.55 -5.36 5.94
C CYS A 258 -12.48 -5.23 4.43
N ASP A 259 -12.32 -6.36 3.75
CA ASP A 259 -12.04 -6.38 2.32
C ASP A 259 -13.26 -6.64 1.46
N PHE A 260 -13.28 -6.00 0.31
CA PHE A 260 -14.24 -6.35 -0.75
C PHE A 260 -13.42 -6.66 -2.02
N ASN A 261 -13.36 -7.94 -2.36
CA ASN A 261 -12.81 -8.47 -3.60
C ASN A 261 -13.99 -9.15 -4.29
N PRO A 262 -14.45 -8.65 -5.45
CA PRO A 262 -15.69 -9.16 -6.03
C PRO A 262 -15.67 -10.68 -6.27
N TYR A 263 -14.53 -11.25 -6.63
CA TYR A 263 -14.40 -12.68 -6.82
C TYR A 263 -14.62 -13.39 -5.50
N ARG A 264 -13.98 -12.94 -4.42
CA ARG A 264 -14.16 -13.51 -3.10
C ARG A 264 -15.59 -13.34 -2.62
N MET A 265 -16.25 -12.26 -3.04
CA MET A 265 -17.63 -12.00 -2.66
C MET A 265 -18.62 -12.68 -3.59
N GLY A 266 -18.17 -13.62 -4.42
CA GLY A 266 -19.07 -14.52 -5.10
C GLY A 266 -19.43 -14.14 -6.52
N ASN A 267 -18.73 -13.21 -7.14
CA ASN A 267 -18.97 -12.86 -8.55
C ASN A 267 -17.65 -12.96 -9.31
N THR A 268 -17.41 -14.12 -9.90
CA THR A 268 -16.15 -14.37 -10.59
C THR A 268 -16.15 -13.80 -11.99
N SER A 269 -17.29 -13.38 -12.51
CA SER A 269 -17.31 -12.87 -13.87
CA SER A 269 -17.44 -12.86 -13.86
C SER A 269 -17.14 -11.37 -13.96
N PHE A 270 -17.01 -10.70 -12.83
CA PHE A 270 -16.95 -9.25 -12.83
C PHE A 270 -15.62 -8.67 -13.30
N TYR A 271 -14.51 -9.14 -12.76
CA TYR A 271 -13.22 -8.49 -12.92
C TYR A 271 -12.17 -9.51 -13.33
N GLY A 272 -11.47 -9.25 -14.42
CA GLY A 272 -10.40 -10.13 -14.90
C GLY A 272 -10.31 -10.06 -16.40
N PRO A 273 -9.51 -10.94 -17.01
CA PRO A 273 -9.28 -10.79 -18.45
C PRO A 273 -10.56 -11.06 -19.24
N GLY A 274 -10.96 -10.13 -20.11
CA GLY A 274 -12.18 -10.27 -20.90
C GLY A 274 -13.47 -10.21 -20.07
N LYS A 275 -13.41 -9.84 -18.80
CA LYS A 275 -14.59 -9.82 -17.93
C LYS A 275 -15.31 -8.49 -18.02
N ILE A 276 -16.28 -8.25 -17.15
CA ILE A 276 -17.08 -7.05 -17.23
C ILE A 276 -16.20 -5.81 -17.12
N ILE A 277 -15.27 -5.83 -16.19
CA ILE A 277 -14.11 -4.94 -16.19
C ILE A 277 -12.99 -5.79 -16.76
N ASP A 278 -12.53 -5.43 -17.95
CA ASP A 278 -11.62 -6.24 -18.72
C ASP A 278 -10.20 -5.80 -18.43
N THR A 279 -9.47 -6.62 -17.68
CA THR A 279 -8.15 -6.22 -17.19
C THR A 279 -7.08 -6.27 -18.27
N THR A 280 -7.42 -6.73 -19.49
CA THR A 280 -6.47 -6.62 -20.59
C THR A 280 -6.35 -5.19 -21.12
N LYS A 281 -7.21 -4.30 -20.68
CA LYS A 281 -7.19 -2.89 -21.11
C LYS A 281 -7.24 -1.97 -19.90
N PRO A 282 -6.74 -0.73 -20.02
CA PRO A 282 -6.81 0.17 -18.86
C PRO A 282 -8.25 0.48 -18.47
N PHE A 283 -8.44 0.92 -17.23
CA PHE A 283 -9.75 1.34 -16.75
C PHE A 283 -9.57 2.35 -15.63
N THR A 284 -10.67 2.97 -15.24
CA THR A 284 -10.72 3.97 -14.19
C THR A 284 -11.35 3.37 -12.95
N VAL A 285 -10.77 3.66 -11.79
CA VAL A 285 -11.22 3.19 -10.49
C VAL A 285 -11.59 4.41 -9.65
N VAL A 286 -12.87 4.50 -9.25
CA VAL A 286 -13.38 5.57 -8.41
C VAL A 286 -13.75 5.00 -7.05
N THR A 287 -13.36 5.71 -6.00
CA THR A 287 -13.64 5.30 -4.64
C THR A 287 -14.18 6.50 -3.87
N GLN A 288 -15.29 6.32 -3.17
CA GLN A 288 -15.94 7.37 -2.39
C GLN A 288 -15.93 7.02 -0.93
N PHE A 289 -15.63 8.00 -0.11
CA PHE A 289 -15.55 7.84 1.35
C PHE A 289 -16.69 8.65 1.97
N LEU A 290 -17.83 8.01 2.15
CA LEU A 290 -19.02 8.71 2.60
CA LEU A 290 -19.04 8.68 2.60
C LEU A 290 -19.08 8.74 4.11
N THR A 291 -19.68 9.79 4.64
CA THR A 291 -19.89 9.97 6.06
C THR A 291 -21.38 9.84 6.41
N ASP A 292 -21.63 9.57 7.67
CA ASP A 292 -22.99 9.27 8.13
C ASP A 292 -23.98 10.39 7.87
N ASP A 293 -23.53 11.65 7.93
CA ASP A 293 -24.42 12.79 7.70
C ASP A 293 -24.12 13.50 6.39
N GLY A 294 -23.25 12.93 5.56
CA GLY A 294 -22.89 13.51 4.28
C GLY A 294 -22.10 14.81 4.34
N THR A 295 -21.53 15.12 5.50
CA THR A 295 -20.71 16.31 5.64
C THR A 295 -19.26 15.95 5.92
N ASP A 296 -18.39 16.94 5.83
CA ASP A 296 -16.97 16.73 6.06
C ASP A 296 -16.64 16.31 7.49
N THR A 297 -17.54 16.59 8.44
CA THR A 297 -17.27 16.27 9.85
C THR A 297 -18.07 15.08 10.35
N GLY A 298 -18.78 14.40 9.46
CA GLY A 298 -19.45 13.17 9.83
C GLY A 298 -18.47 12.03 10.06
N THR A 299 -18.99 10.93 10.55
CA THR A 299 -18.21 9.71 10.74
C THR A 299 -18.23 8.85 9.49
N LEU A 300 -17.06 8.40 9.06
CA LEU A 300 -16.96 7.49 7.91
C LEU A 300 -17.98 6.36 8.08
N SER A 301 -18.83 6.18 7.07
CA SER A 301 -19.94 5.24 7.17
C SER A 301 -19.99 4.24 6.02
N GLU A 302 -19.41 4.60 4.88
CA GLU A 302 -19.57 3.74 3.71
C GLU A 302 -18.48 4.03 2.72
N ILE A 303 -17.88 3.00 2.17
CA ILE A 303 -16.88 3.15 1.10
C ILE A 303 -17.46 2.52 -0.14
N LYS A 304 -17.65 3.33 -1.18
CA LYS A 304 -18.23 2.87 -2.44
C LYS A 304 -17.22 2.88 -3.56
N ARG A 305 -17.46 2.02 -4.54
CA ARG A 305 -16.58 1.80 -5.68
C ARG A 305 -17.39 1.83 -6.98
N PHE A 306 -16.84 2.54 -7.95
CA PHE A 306 -17.30 2.51 -9.34
C PHE A 306 -16.10 2.31 -10.24
N TYR A 307 -16.30 1.65 -11.37
CA TYR A 307 -15.28 1.52 -12.40
C TYR A 307 -15.77 2.23 -13.65
N ILE A 308 -14.88 2.74 -14.48
CA ILE A 308 -15.28 3.28 -15.77
C ILE A 308 -14.35 2.67 -16.81
N GLN A 309 -14.91 2.04 -17.83
CA GLN A 309 -14.12 1.49 -18.90
C GLN A 309 -14.94 1.68 -20.18
N ASN A 310 -14.30 2.15 -21.23
CA ASN A 310 -15.00 2.49 -22.47
C ASN A 310 -16.14 3.46 -22.21
N SER A 311 -15.92 4.36 -21.28
CA SER A 311 -16.90 5.39 -20.90
C SER A 311 -18.16 4.84 -20.22
N ASN A 312 -18.22 3.54 -19.94
CA ASN A 312 -19.31 2.96 -19.20
C ASN A 312 -19.03 2.97 -17.70
N VAL A 313 -19.92 3.55 -16.94
CA VAL A 313 -19.79 3.64 -15.49
C VAL A 313 -20.46 2.41 -14.88
N ILE A 314 -19.68 1.63 -14.14
CA ILE A 314 -20.11 0.32 -13.68
C ILE A 314 -19.92 0.24 -12.16
N PRO A 315 -21.01 0.16 -11.38
CA PRO A 315 -20.85 -0.01 -9.94
C PRO A 315 -20.23 -1.36 -9.58
N GLN A 316 -19.57 -1.40 -8.44
CA GLN A 316 -19.16 -2.65 -7.83
C GLN A 316 -20.33 -3.63 -7.83
N PRO A 317 -20.08 -4.91 -8.12
CA PRO A 317 -21.19 -5.87 -8.00
C PRO A 317 -21.59 -6.09 -6.56
N ASN A 318 -22.82 -6.56 -6.37
CA ASN A 318 -23.26 -6.99 -5.06
C ASN A 318 -22.53 -8.24 -4.60
N SER A 319 -22.34 -8.35 -3.30
CA SER A 319 -22.02 -9.62 -2.70
C SER A 319 -23.04 -10.67 -3.11
N ASP A 320 -22.56 -11.85 -3.44
CA ASP A 320 -23.38 -13.03 -3.64
C ASP A 320 -23.02 -14.10 -2.61
N ILE A 321 -22.65 -13.67 -1.42
CA ILE A 321 -22.38 -14.55 -0.29
C ILE A 321 -23.60 -14.49 0.62
N SER A 322 -24.13 -15.66 0.97
CA SER A 322 -25.25 -15.72 1.91
C SER A 322 -24.89 -15.03 3.22
N GLY A 323 -25.74 -14.15 3.67
CA GLY A 323 -25.53 -13.43 4.92
C GLY A 323 -24.90 -12.05 4.76
N VAL A 324 -24.39 -11.74 3.55
CA VAL A 324 -23.59 -10.53 3.33
C VAL A 324 -24.21 -9.76 2.19
N THR A 325 -24.67 -8.56 2.47
CA THR A 325 -25.51 -7.82 1.55
C THR A 325 -24.85 -6.54 1.01
N GLY A 326 -25.03 -6.31 -0.27
CA GLY A 326 -24.67 -5.04 -0.86
C GLY A 326 -23.32 -5.03 -1.56
N ASN A 327 -22.98 -3.87 -2.08
CA ASN A 327 -21.79 -3.70 -2.92
C ASN A 327 -20.80 -2.72 -2.31
N SER A 328 -20.94 -2.39 -1.03
CA SER A 328 -20.12 -1.34 -0.41
C SER A 328 -19.65 -1.79 0.96
N ILE A 329 -18.62 -1.11 1.47
CA ILE A 329 -18.09 -1.40 2.79
C ILE A 329 -18.76 -0.51 3.83
N THR A 330 -19.42 -1.15 4.78
CA THR A 330 -20.15 -0.52 5.87
C THR A 330 -19.90 -1.38 7.10
N THR A 331 -20.22 -0.88 8.29
CA THR A 331 -20.11 -1.69 9.49
C THR A 331 -20.90 -2.99 9.36
N GLU A 332 -22.12 -2.90 8.87
CA GLU A 332 -22.96 -4.09 8.77
C GLU A 332 -22.34 -5.12 7.82
N PHE A 333 -21.87 -4.67 6.66
CA PHE A 333 -21.20 -5.55 5.70
C PHE A 333 -20.01 -6.23 6.34
N CYS A 334 -19.20 -5.46 7.04
CA CYS A 334 -17.96 -5.98 7.58
C CYS A 334 -18.23 -7.01 8.65
N THR A 335 -19.19 -6.72 9.53
CA THR A 335 -19.55 -7.68 10.58
C THR A 335 -20.03 -9.00 9.97
N ALA A 336 -20.89 -8.86 8.97
CA ALA A 336 -21.48 -10.02 8.30
C ALA A 336 -20.46 -10.83 7.53
N GLN A 337 -19.53 -10.13 6.86
CA GLN A 337 -18.52 -10.81 6.05
C GLN A 337 -17.62 -11.66 6.92
N LYS A 338 -17.18 -11.11 8.04
CA LYS A 338 -16.29 -11.89 8.91
C LYS A 338 -17.04 -13.13 9.45
N GLN A 339 -18.31 -12.96 9.80
CA GLN A 339 -19.11 -14.09 10.28
C GLN A 339 -19.26 -15.15 9.19
N ALA A 340 -19.60 -14.72 7.98
CA ALA A 340 -19.85 -15.68 6.90
C ALA A 340 -18.60 -16.45 6.51
N PHE A 341 -17.45 -15.79 6.56
CA PHE A 341 -16.19 -16.39 6.14
C PHE A 341 -15.49 -17.11 7.29
N GLY A 342 -15.97 -16.92 8.53
CA GLY A 342 -15.31 -17.50 9.69
C GLY A 342 -13.97 -16.88 10.02
N ASP A 343 -13.77 -15.63 9.64
CA ASP A 343 -12.53 -14.92 9.89
C ASP A 343 -12.67 -14.09 11.16
N THR A 344 -11.61 -13.96 11.92
CA THR A 344 -11.70 -13.17 13.13
CA THR A 344 -11.63 -13.16 13.13
C THR A 344 -11.99 -11.71 12.82
N ASP A 345 -12.86 -11.10 13.60
CA ASP A 345 -13.29 -9.74 13.35
C ASP A 345 -12.32 -8.75 14.02
N ASP A 346 -11.10 -8.73 13.51
CA ASP A 346 -10.09 -7.82 14.05
C ASP A 346 -10.38 -6.38 13.66
N PHE A 347 -11.07 -6.20 12.55
CA PHE A 347 -11.54 -4.91 12.09
C PHE A 347 -12.36 -4.22 13.18
N SER A 348 -13.36 -4.93 13.70
CA SER A 348 -14.17 -4.37 14.76
C SER A 348 -13.34 -4.17 16.04
N GLN A 349 -12.44 -5.10 16.33
CA GLN A 349 -11.63 -5.02 17.55
C GLN A 349 -10.80 -3.76 17.58
N HIS A 350 -10.36 -3.28 16.42
CA HIS A 350 -9.52 -2.10 16.36
C HIS A 350 -10.29 -0.85 15.93
N GLY A 351 -11.61 -0.86 16.06
CA GLY A 351 -12.40 0.35 15.91
C GLY A 351 -13.07 0.57 14.57
N GLY A 352 -12.92 -0.39 13.65
CA GLY A 352 -13.65 -0.36 12.41
C GLY A 352 -13.59 0.95 11.65
N LEU A 353 -14.71 1.30 11.04
CA LEU A 353 -14.78 2.50 10.25
C LEU A 353 -14.61 3.76 11.09
N ALA A 354 -14.99 3.73 12.38
CA ALA A 354 -14.79 4.90 13.23
C ALA A 354 -13.31 5.21 13.35
N LYS A 355 -12.48 4.21 13.57
CA LYS A 355 -11.05 4.45 13.69
C LYS A 355 -10.40 4.67 12.34
N MET A 356 -10.90 4.03 11.27
CA MET A 356 -10.40 4.34 9.95
C MET A 356 -10.67 5.82 9.64
N GLY A 357 -11.86 6.28 9.96
CA GLY A 357 -12.26 7.66 9.71
C GLY A 357 -11.46 8.63 10.53
N ALA A 358 -11.14 8.28 11.76
CA ALA A 358 -10.27 9.14 12.56
C ALA A 358 -8.91 9.32 11.90
N ALA A 359 -8.35 8.24 11.35
CA ALA A 359 -7.10 8.35 10.60
C ALA A 359 -7.28 9.25 9.39
N MET A 360 -8.40 9.12 8.70
CA MET A 360 -8.65 9.98 7.55
C MET A 360 -8.69 11.45 7.98
N GLN A 361 -9.21 11.73 9.16
CA GLN A 361 -9.30 13.08 9.66
C GLN A 361 -7.92 13.61 9.97
N GLN A 362 -6.99 12.77 10.39
CA GLN A 362 -5.62 13.18 10.63
C GLN A 362 -4.87 13.56 9.35
N GLY A 363 -5.30 13.00 8.23
CA GLY A 363 -4.65 13.20 6.95
C GLY A 363 -3.80 12.00 6.57
N MET A 364 -3.82 11.66 5.29
CA MET A 364 -3.13 10.48 4.79
C MET A 364 -2.32 10.76 3.55
N VAL A 365 -1.29 9.96 3.36
CA VAL A 365 -0.33 10.05 2.26
C VAL A 365 -0.67 9.00 1.21
N LEU A 366 -0.62 9.38 -0.06
CA LEU A 366 -0.82 8.49 -1.20
C LEU A 366 0.44 7.71 -1.51
N VAL A 367 0.28 6.39 -1.58
CA VAL A 367 1.31 5.43 -1.88
C VAL A 367 0.97 4.73 -3.17
N MET A 368 1.96 4.56 -4.05
CA MET A 368 1.83 3.75 -5.27
C MET A 368 2.99 2.79 -5.27
N SER A 369 2.72 1.50 -5.45
CA SER A 369 3.75 0.49 -5.31
C SER A 369 3.49 -0.70 -6.23
N LEU A 370 4.51 -1.54 -6.30
CA LEU A 370 4.44 -2.82 -7.02
C LEU A 370 5.28 -3.78 -6.22
N TRP A 371 4.71 -4.91 -5.83
CA TRP A 371 5.41 -5.88 -4.99
C TRP A 371 4.98 -7.31 -5.25
N ASP A 372 5.85 -8.23 -4.86
CA ASP A 372 5.51 -9.63 -4.74
C ASP A 372 5.66 -10.01 -3.28
N ASP A 373 5.13 -11.18 -2.90
CA ASP A 373 4.78 -11.46 -1.52
C ASP A 373 5.59 -12.63 -0.98
N TYR A 374 6.60 -12.27 -0.18
CA TYR A 374 7.52 -13.20 0.44
C TYR A 374 6.93 -13.90 1.67
N ALA A 375 5.70 -13.63 2.05
CA ALA A 375 5.00 -14.34 3.12
C ALA A 375 3.96 -15.33 2.61
N ALA A 376 3.14 -14.90 1.66
CA ALA A 376 1.95 -15.68 1.27
C ALA A 376 1.70 -15.70 -0.25
N GLN A 377 2.67 -15.27 -1.07
CA GLN A 377 2.62 -15.42 -2.53
C GLN A 377 1.41 -14.76 -3.19
N MET A 378 0.82 -13.77 -2.53
CA MET A 378 -0.35 -13.08 -3.00
C MET A 378 -1.57 -13.99 -3.14
N LEU A 379 -1.51 -15.18 -2.53
CA LEU A 379 -2.61 -16.12 -2.65
C LEU A 379 -3.90 -15.59 -2.05
N TRP A 380 -3.76 -14.76 -1.02
CA TRP A 380 -4.88 -14.11 -0.36
C TRP A 380 -5.65 -13.19 -1.30
N LEU A 381 -4.97 -12.70 -2.33
CA LEU A 381 -5.57 -11.80 -3.31
C LEU A 381 -6.15 -12.57 -4.50
N ASP A 382 -5.44 -13.59 -4.98
CA ASP A 382 -5.74 -14.12 -6.32
C ASP A 382 -5.87 -15.61 -6.43
N SER A 383 -5.86 -16.34 -5.31
CA SER A 383 -5.91 -17.80 -5.34
C SER A 383 -6.91 -18.32 -4.30
N ASP A 384 -6.70 -19.56 -3.89
CA ASP A 384 -7.51 -20.21 -2.85
C ASP A 384 -6.68 -20.19 -1.58
N TYR A 385 -7.19 -19.58 -0.50
CA TYR A 385 -6.37 -19.32 0.66
C TYR A 385 -7.20 -19.42 1.92
N PRO A 386 -6.69 -20.13 2.94
CA PRO A 386 -5.47 -20.91 2.95
C PRO A 386 -5.55 -22.06 1.96
N THR A 387 -4.39 -22.55 1.59
CA THR A 387 -4.31 -23.52 0.51
C THR A 387 -4.83 -24.93 0.87
N ASP A 388 -5.03 -25.19 2.15
CA ASP A 388 -5.53 -26.50 2.59
C ASP A 388 -7.03 -26.55 2.62
N ALA A 389 -7.70 -25.40 2.54
CA ALA A 389 -9.15 -25.35 2.66
C ALA A 389 -9.85 -25.77 1.37
N ASP A 390 -11.13 -26.10 1.46
CA ASP A 390 -11.94 -26.44 0.29
C ASP A 390 -12.24 -25.15 -0.47
N PRO A 391 -11.84 -25.04 -1.75
CA PRO A 391 -12.10 -23.79 -2.48
C PRO A 391 -13.56 -23.44 -2.66
N THR A 392 -14.47 -24.37 -2.41
CA THR A 392 -15.90 -24.05 -2.49
C THR A 392 -16.46 -23.46 -1.21
N THR A 393 -15.70 -23.46 -0.14
CA THR A 393 -16.16 -22.86 1.09
C THR A 393 -16.15 -21.33 0.94
N PRO A 394 -17.22 -20.63 1.31
CA PRO A 394 -17.22 -19.17 1.17
C PRO A 394 -16.03 -18.55 1.86
N GLY A 395 -15.38 -17.64 1.13
CA GLY A 395 -14.25 -16.88 1.63
C GLY A 395 -12.90 -17.42 1.19
N ILE A 396 -12.84 -18.68 0.74
CA ILE A 396 -11.58 -19.27 0.38
C ILE A 396 -11.06 -18.83 -0.98
N ALA A 397 -11.90 -18.85 -2.01
CA ALA A 397 -11.47 -18.57 -3.37
C ALA A 397 -11.50 -17.07 -3.63
N ARG A 398 -10.35 -16.53 -4.01
CA ARG A 398 -10.17 -15.08 -4.23
C ARG A 398 -9.81 -14.72 -5.66
N GLY A 399 -9.37 -15.71 -6.44
CA GLY A 399 -9.06 -15.51 -7.85
C GLY A 399 -8.78 -16.87 -8.47
N THR A 400 -8.34 -16.87 -9.72
CA THR A 400 -8.16 -18.07 -10.54
C THR A 400 -6.80 -18.72 -10.38
N CYS A 401 -5.85 -18.09 -9.69
CA CYS A 401 -4.48 -18.57 -9.70
C CYS A 401 -4.34 -19.87 -8.91
N PRO A 402 -3.47 -20.78 -9.37
CA PRO A 402 -3.26 -22.00 -8.60
C PRO A 402 -2.54 -21.72 -7.29
N THR A 403 -2.68 -22.62 -6.34
CA THR A 403 -2.07 -22.42 -5.03
C THR A 403 -0.55 -22.49 -5.04
N ASP A 404 0.06 -23.01 -6.12
CA ASP A 404 1.52 -23.00 -6.22
C ASP A 404 2.08 -21.77 -6.94
N SER A 405 1.22 -20.81 -7.24
CA SER A 405 1.60 -19.58 -7.95
C SER A 405 2.22 -18.55 -7.01
N GLY A 406 2.84 -17.54 -7.59
CA GLY A 406 3.26 -16.38 -6.85
C GLY A 406 4.52 -16.51 -6.02
N VAL A 407 5.25 -17.61 -6.12
CA VAL A 407 6.49 -17.73 -5.38
C VAL A 407 7.46 -16.67 -5.94
N PRO A 408 8.07 -15.83 -5.09
CA PRO A 408 8.90 -14.74 -5.62
C PRO A 408 9.97 -15.22 -6.61
N SER A 409 10.67 -16.30 -6.31
CA SER A 409 11.73 -16.72 -7.23
C SER A 409 11.17 -17.12 -8.59
N ASP A 410 9.95 -17.63 -8.62
CA ASP A 410 9.30 -17.95 -9.89
C ASP A 410 8.89 -16.69 -10.63
N VAL A 411 8.13 -15.80 -9.99
CA VAL A 411 7.58 -14.66 -10.72
C VAL A 411 8.65 -13.65 -11.09
N GLU A 412 9.71 -13.55 -10.31
CA GLU A 412 10.79 -12.62 -10.64
C GLU A 412 11.56 -13.14 -11.85
N SER A 413 11.68 -14.47 -11.98
CA SER A 413 12.30 -15.09 -13.14
C SER A 413 11.42 -15.07 -14.38
N GLN A 414 10.13 -15.35 -14.21
CA GLN A 414 9.23 -15.53 -15.36
C GLN A 414 8.55 -14.25 -15.83
N SER A 415 8.44 -13.24 -14.98
CA SER A 415 7.72 -12.04 -15.35
C SER A 415 8.47 -10.75 -15.05
N PRO A 416 9.77 -10.70 -15.33
CA PRO A 416 10.55 -9.52 -14.92
C PRO A 416 10.07 -8.24 -15.58
N ASN A 417 9.53 -8.30 -16.78
CA ASN A 417 9.09 -7.12 -17.51
C ASN A 417 7.65 -6.71 -17.20
N SER A 418 7.01 -7.37 -16.26
CA SER A 418 5.75 -6.90 -15.77
C SER A 418 5.87 -5.49 -15.19
N TYR A 419 4.75 -4.80 -15.15
CA TYR A 419 4.73 -3.40 -14.68
C TYR A 419 3.31 -3.07 -14.30
N VAL A 420 3.14 -1.96 -13.58
CA VAL A 420 1.83 -1.33 -13.36
C VAL A 420 1.98 0.14 -13.73
N THR A 421 0.96 0.71 -14.34
CA THR A 421 0.94 2.14 -14.65
C THR A 421 -0.29 2.79 -14.09
N TYR A 422 -0.08 3.80 -13.24
CA TYR A 422 -1.14 4.58 -12.64
C TYR A 422 -1.18 5.92 -13.34
N SER A 423 -2.35 6.47 -13.61
CA SER A 423 -2.40 7.76 -14.28
C SER A 423 -3.68 8.50 -13.95
N ASN A 424 -3.72 9.76 -14.37
CA ASN A 424 -4.95 10.53 -14.34
C ASN A 424 -5.61 10.56 -12.97
N ILE A 425 -4.83 10.82 -11.95
CA ILE A 425 -5.36 10.95 -10.60
C ILE A 425 -6.25 12.19 -10.50
N LYS A 426 -7.43 12.03 -9.94
CA LYS A 426 -8.37 13.11 -9.68
C LYS A 426 -8.94 12.98 -8.28
N PHE A 427 -9.13 14.10 -7.60
CA PHE A 427 -9.61 14.11 -6.22
C PHE A 427 -10.53 15.28 -6.00
N GLY A 428 -11.63 15.08 -5.29
CA GLY A 428 -12.51 16.21 -4.98
C GLY A 428 -13.75 15.74 -4.29
N PRO A 429 -14.78 16.61 -4.24
CA PRO A 429 -16.08 16.24 -3.65
C PRO A 429 -16.67 15.01 -4.31
N ILE A 430 -17.59 14.40 -3.59
CA ILE A 430 -18.35 13.29 -4.13
C ILE A 430 -18.97 13.69 -5.47
N ASN A 431 -18.85 12.79 -6.44
CA ASN A 431 -19.34 12.92 -7.82
C ASN A 431 -18.57 13.90 -8.70
N SER A 432 -17.48 14.46 -8.20
CA SER A 432 -16.76 15.49 -8.97
C SER A 432 -15.76 14.92 -9.97
N THR A 433 -15.42 13.63 -9.87
CA THR A 433 -14.32 13.09 -10.66
C THR A 433 -14.78 12.26 -11.85
N PHE A 434 -16.09 11.97 -11.94
CA PHE A 434 -16.62 11.10 -13.00
C PHE A 434 -18.08 11.42 -13.26
N THR A 435 -18.67 10.76 -14.25
CA THR A 435 -20.06 11.00 -14.60
C THR A 435 -20.98 10.10 -13.79
N ALA A 436 -21.50 10.63 -12.69
CA ALA A 436 -22.31 9.87 -11.75
C ALA A 436 -23.71 9.63 -12.31
#